data_5X7U
#
_entry.id   5X7U
#
_cell.length_a   159.176
_cell.length_b   159.176
_cell.length_c   152.815
_cell.angle_alpha   90.00
_cell.angle_beta   90.00
_cell.angle_gamma   90.00
#
_symmetry.space_group_name_H-M   'I 41 2 2'
#
loop_
_entity.id
_entity.type
_entity.pdbx_description
1 polymer 'Trehalose synthase'
2 non-polymer 2-AMINO-2-HYDROXYMETHYL-PROPANE-1,3-DIOL
3 non-polymer 'MAGNESIUM ION'
4 water water
#
_entity_poly.entity_id   1
_entity_poly.type   'polypeptide(L)'
_entity_poly.pdbx_seq_one_letter_code
;MNDDPTWYKDAIIYEVGVRCFFDSNNDGSGDIPGLTAKLDYIESLGVTAIWLLPFYASPLKDGGYDISDYRSLHPDFGTI
EDFKVFLDEAHRRGIRVITELVLNHTSDQHQWFREARSNPNSPYRDYYVWSDTDDKYKDARIIFIDTERSNWTWDQEAGK
YYWHRFFSHQPDLNYDNPKVQQEILDIVGYWLDMGVDGLRLDAVPYLYEREGTNCENLPETHEFLKKLRKFVDDNWPNRM
LLAEANQWPEDVVAYFGNGDECHMAYHFPIMPRMYMALRREDRHPITEILRRTPPIPETCQWALFLRNHDELTLEMVTDE
ERDYMYHEYAKDPRMRLNLGIRRRLAPLLDNSERRIQLMHLLLFTLPGTPIIYYGDEIGMGDNVYLGDRDGVRTPMQWSG
DRNAGFSRANPQALYLPPIRDPVFTYEAVNVEAQEQVPTSLLNWMKRTIQIRKKYPVFGRGSIRFLQPSNRAVLAYIRQY
QDTTILCACNLSRFCQAAELDLSDFKGLYPVELYGKTVFPQIGELPYLLTFGPHVFYWFELKPQEQLPH
;
_entity_poly.pdbx_strand_id   A
#
# COMPACT_ATOMS: atom_id res chain seq x y z
N ASP A 4 3.53 21.85 1.23
CA ASP A 4 3.77 21.98 2.66
C ASP A 4 2.68 21.23 3.45
N PRO A 5 1.39 21.66 3.40
CA PRO A 5 0.36 20.83 4.05
C PRO A 5 -0.10 19.67 3.17
N THR A 6 -0.09 19.89 1.85
CA THR A 6 -0.39 18.82 0.89
C THR A 6 0.86 18.07 0.46
N TRP A 7 1.90 17.99 1.31
CA TRP A 7 3.17 17.38 0.91
C TRP A 7 2.98 15.97 0.42
N TYR A 8 2.01 15.25 1.01
CA TYR A 8 1.77 13.87 0.66
C TYR A 8 1.37 13.69 -0.79
N LYS A 9 0.87 14.75 -1.44
CA LYS A 9 0.44 14.64 -2.83
C LYS A 9 1.61 14.47 -3.79
N ASP A 10 2.82 14.85 -3.38
CA ASP A 10 4.00 14.73 -4.23
C ASP A 10 4.94 13.60 -3.82
N ALA A 11 4.61 12.84 -2.79
CA ALA A 11 5.52 11.83 -2.30
C ALA A 11 5.59 10.61 -3.22
N ILE A 12 6.70 9.90 -3.10
CA ILE A 12 6.86 8.52 -3.56
C ILE A 12 7.09 7.69 -2.32
N ILE A 13 6.17 6.76 -2.04
CA ILE A 13 6.18 6.05 -0.76
C ILE A 13 6.74 4.65 -0.93
N TYR A 14 7.58 4.24 0.02
CA TYR A 14 8.24 2.93 0.06
C TYR A 14 7.72 2.17 1.27
N GLU A 15 7.04 1.06 1.03
CA GLU A 15 6.51 0.23 2.09
C GLU A 15 7.56 -0.82 2.45
N VAL A 16 8.09 -0.74 3.67
CA VAL A 16 9.14 -1.65 4.10
C VAL A 16 8.85 -2.12 5.51
N GLY A 17 9.09 -3.41 5.77
CA GLY A 17 9.07 -3.95 7.12
C GLY A 17 10.47 -3.98 7.69
N VAL A 18 10.62 -3.38 8.88
CA VAL A 18 11.93 -3.31 9.54
C VAL A 18 12.55 -4.69 9.64
N ARG A 19 11.74 -5.69 9.99
CA ARG A 19 12.26 -7.04 10.17
C ARG A 19 12.77 -7.63 8.87
N CYS A 20 12.33 -7.10 7.72
CA CYS A 20 12.66 -7.69 6.44
C CYS A 20 13.82 -7.06 5.73
N PHE A 21 14.30 -5.89 6.17
CA PHE A 21 15.12 -5.10 5.26
C PHE A 21 16.63 -5.36 5.41
N PHE A 22 17.20 -5.09 6.58
CA PHE A 22 18.62 -5.34 6.76
C PHE A 22 18.93 -5.62 8.22
N ASP A 23 19.62 -6.74 8.46
CA ASP A 23 20.03 -7.17 9.79
C ASP A 23 21.43 -6.63 10.07
N SER A 24 21.53 -5.65 10.97
CA SER A 24 22.80 -4.98 11.23
C SER A 24 23.66 -5.69 12.27
N ASN A 25 23.05 -6.41 13.22
CA ASN A 25 23.80 -7.14 14.24
C ASN A 25 23.86 -8.65 14.00
N ASN A 26 23.30 -9.14 12.90
CA ASN A 26 23.49 -10.54 12.49
C ASN A 26 22.87 -11.53 13.48
N ASP A 27 21.70 -11.22 14.00
CA ASP A 27 20.92 -12.14 14.80
C ASP A 27 19.81 -12.83 14.01
N GLY A 28 19.73 -12.58 12.70
CA GLY A 28 18.73 -13.19 11.87
C GLY A 28 17.50 -12.34 11.60
N SER A 29 17.41 -11.17 12.22
CA SER A 29 16.25 -10.31 12.05
C SER A 29 16.67 -8.92 11.63
N GLY A 30 15.94 -8.34 10.68
CA GLY A 30 16.19 -6.96 10.33
C GLY A 30 15.91 -6.02 11.48
N ASP A 31 16.57 -4.86 11.47
CA ASP A 31 16.43 -3.93 12.58
C ASP A 31 16.54 -2.49 12.11
N ILE A 32 16.17 -1.59 13.03
CA ILE A 32 16.17 -0.15 12.69
C ILE A 32 17.54 0.38 12.35
N PRO A 33 18.62 0.09 13.09
CA PRO A 33 19.94 0.55 12.63
C PRO A 33 20.31 0.00 11.26
N GLY A 34 19.89 -1.24 10.96
CA GLY A 34 20.12 -1.77 9.62
C GLY A 34 19.34 -0.99 8.57
N LEU A 35 18.10 -0.63 8.89
CA LEU A 35 17.32 0.22 7.99
C LEU A 35 17.99 1.57 7.81
N THR A 36 18.54 2.13 8.90
CA THR A 36 19.23 3.41 8.78
C THR A 36 20.46 3.29 7.90
N ALA A 37 21.15 2.15 7.95
CA ALA A 37 22.35 1.99 7.13
C ALA A 37 22.04 1.81 5.65
N LYS A 38 20.77 1.59 5.29
CA LYS A 38 20.39 1.40 3.90
C LYS A 38 19.68 2.62 3.31
N LEU A 39 19.67 3.76 4.02
CA LEU A 39 18.96 4.93 3.50
C LEU A 39 19.55 5.47 2.20
N ASP A 40 20.87 5.31 1.99
CA ASP A 40 21.44 5.65 0.68
C ASP A 40 20.73 4.91 -0.45
N TYR A 41 20.47 3.62 -0.27
CA TYR A 41 19.77 2.88 -1.30
C TYR A 41 18.36 3.40 -1.46
N ILE A 42 17.66 3.61 -0.35
CA ILE A 42 16.29 4.12 -0.41
C ILE A 42 16.25 5.51 -1.05
N GLU A 43 17.17 6.39 -0.66
CA GLU A 43 17.21 7.70 -1.30
C GLU A 43 17.57 7.59 -2.77
N SER A 44 18.48 6.68 -3.10
CA SER A 44 18.91 6.57 -4.49
C SER A 44 17.79 6.02 -5.37
N LEU A 45 16.89 5.23 -4.80
CA LEU A 45 15.74 4.79 -5.56
C LEU A 45 14.88 5.98 -5.97
N GLY A 46 14.86 7.03 -5.15
CA GLY A 46 14.06 8.20 -5.44
C GLY A 46 12.86 8.36 -4.54
N VAL A 47 12.68 7.48 -3.54
CA VAL A 47 11.51 7.59 -2.70
C VAL A 47 11.67 8.80 -1.78
N THR A 48 10.55 9.41 -1.43
CA THR A 48 10.54 10.60 -0.58
C THR A 48 9.86 10.35 0.75
N ALA A 49 9.26 9.18 0.96
CA ALA A 49 8.61 8.88 2.23
C ALA A 49 8.62 7.38 2.46
N ILE A 50 9.03 7.00 3.66
CA ILE A 50 9.11 5.61 4.06
C ILE A 50 7.93 5.31 4.97
N TRP A 51 7.09 4.35 4.59
CA TRP A 51 6.03 3.83 5.45
C TRP A 51 6.57 2.57 6.11
N LEU A 52 6.74 2.63 7.43
CA LEU A 52 7.28 1.51 8.19
C LEU A 52 6.15 0.66 8.71
N LEU A 53 6.19 -0.65 8.41
CA LEU A 53 5.25 -1.57 9.00
C LEU A 53 5.45 -1.61 10.51
N PRO A 54 4.50 -2.16 11.26
CA PRO A 54 4.60 -2.11 12.74
C PRO A 54 5.97 -2.56 13.22
N PHE A 55 6.51 -1.83 14.19
CA PHE A 55 7.81 -2.15 14.78
C PHE A 55 7.74 -2.14 16.30
N TYR A 56 6.53 -2.25 16.86
CA TYR A 56 6.33 -2.10 18.28
C TYR A 56 6.36 -3.47 18.96
N ALA A 57 6.28 -3.47 20.29
CA ALA A 57 6.34 -4.72 21.03
C ALA A 57 5.16 -5.59 20.63
N SER A 58 5.45 -6.86 20.40
CA SER A 58 4.45 -7.71 19.78
C SER A 58 4.90 -9.16 19.87
N PRO A 59 3.98 -10.10 20.02
CA PRO A 59 4.37 -11.51 19.85
C PRO A 59 4.61 -11.89 18.41
N LEU A 60 4.35 -10.98 17.45
CA LEU A 60 4.63 -11.20 16.02
C LEU A 60 3.77 -12.30 15.41
N LYS A 61 2.60 -12.56 15.99
CA LYS A 61 1.73 -13.60 15.44
C LYS A 61 0.90 -13.11 14.27
N ASP A 62 0.81 -11.80 14.04
CA ASP A 62 0.27 -11.21 12.83
C ASP A 62 1.24 -10.16 12.29
N GLY A 63 2.51 -10.54 12.23
CA GLY A 63 3.53 -9.67 11.69
C GLY A 63 3.64 -8.33 12.37
N GLY A 64 3.36 -8.27 13.68
CA GLY A 64 3.48 -7.05 14.44
C GLY A 64 2.22 -6.21 14.54
N TYR A 65 1.17 -6.54 13.79
CA TYR A 65 -0.11 -5.87 13.92
C TYR A 65 -0.91 -6.38 15.12
N ASP A 66 -0.28 -7.21 15.96
CA ASP A 66 -0.79 -7.65 17.26
C ASP A 66 0.15 -7.02 18.29
N ILE A 67 -0.17 -5.80 18.69
CA ILE A 67 0.73 -5.01 19.52
C ILE A 67 0.42 -5.24 21.00
N SER A 68 1.46 -5.43 21.79
CA SER A 68 1.31 -5.58 23.22
C SER A 68 1.79 -4.38 24.01
N ASP A 69 2.39 -3.38 23.35
CA ASP A 69 2.77 -2.14 24.02
C ASP A 69 3.03 -1.11 22.93
N TYR A 70 2.15 -0.11 22.83
CA TYR A 70 2.24 0.88 21.77
C TYR A 70 3.41 1.85 21.91
N ARG A 71 4.09 1.87 23.07
CA ARG A 71 5.13 2.86 23.33
C ARG A 71 6.54 2.31 23.16
N SER A 72 6.70 1.00 23.03
CA SER A 72 8.02 0.37 22.99
C SER A 72 8.23 -0.34 21.65
N LEU A 73 9.44 -0.25 21.13
CA LEU A 73 9.79 -1.09 20.00
C LEU A 73 9.87 -2.55 20.43
N HIS A 74 9.63 -3.44 19.49
CA HIS A 74 9.98 -4.84 19.69
C HIS A 74 11.49 -4.94 19.92
N PRO A 75 11.94 -5.80 20.83
CA PRO A 75 13.39 -5.86 21.12
C PRO A 75 14.26 -6.19 19.91
N ASP A 76 13.77 -6.99 18.96
CA ASP A 76 14.62 -7.31 17.81
C ASP A 76 14.88 -6.13 16.90
N PHE A 77 14.10 -5.05 17.01
CA PHE A 77 14.22 -3.94 16.08
C PHE A 77 15.02 -2.76 16.64
N GLY A 78 15.32 -2.76 17.93
CA GLY A 78 16.10 -1.69 18.50
C GLY A 78 15.36 -0.92 19.58
N THR A 79 15.83 0.30 19.85
CA THR A 79 15.32 1.13 20.92
C THR A 79 14.59 2.34 20.36
N ILE A 80 13.78 2.96 21.22
CA ILE A 80 13.21 4.27 20.91
C ILE A 80 14.28 5.19 20.35
N GLU A 81 15.49 5.11 20.92
CA GLU A 81 16.55 6.04 20.53
C GLU A 81 17.11 5.70 19.16
N ASP A 82 17.24 4.40 18.86
CA ASP A 82 17.53 3.99 17.48
C ASP A 82 16.50 4.60 16.51
N PHE A 83 15.22 4.56 16.89
CA PHE A 83 14.19 5.09 16.01
C PHE A 83 14.34 6.60 15.80
N LYS A 84 14.64 7.34 16.87
CA LYS A 84 14.84 8.77 16.72
C LYS A 84 16.06 9.08 15.87
N VAL A 85 17.10 8.26 15.96
CA VAL A 85 18.24 8.41 15.06
C VAL A 85 17.81 8.16 13.62
N PHE A 86 16.98 7.12 13.40
CA PHE A 86 16.44 6.88 12.07
C PHE A 86 15.61 8.06 11.59
N LEU A 87 14.72 8.53 12.45
CA LEU A 87 13.79 9.57 12.05
C LEU A 87 14.52 10.85 11.66
N ASP A 88 15.56 11.22 12.41
CA ASP A 88 16.30 12.43 12.06
C ASP A 88 17.15 12.20 10.81
N GLU A 89 17.73 11.01 10.67
CA GLU A 89 18.54 10.73 9.49
C GLU A 89 17.69 10.79 8.23
N ALA A 90 16.47 10.25 8.27
CA ALA A 90 15.60 10.33 7.11
C ALA A 90 15.20 11.76 6.82
N HIS A 91 14.76 12.49 7.85
CA HIS A 91 14.43 13.90 7.66
C HIS A 91 15.61 14.67 7.08
N ARG A 92 16.83 14.35 7.54
CA ARG A 92 18.01 15.03 7.02
C ARG A 92 18.14 14.86 5.52
N ARG A 93 17.64 13.75 4.98
CA ARG A 93 17.66 13.54 3.54
C ARG A 93 16.38 14.00 2.86
N GLY A 94 15.51 14.70 3.58
CA GLY A 94 14.25 15.10 2.98
C GLY A 94 13.28 13.96 2.76
N ILE A 95 13.33 12.96 3.62
CA ILE A 95 12.49 11.77 3.51
C ILE A 95 11.55 11.76 4.70
N ARG A 96 10.25 11.81 4.43
CA ARG A 96 9.27 11.74 5.52
C ARG A 96 9.12 10.31 6.00
N VAL A 97 8.45 10.16 7.14
CA VAL A 97 8.27 8.86 7.75
C VAL A 97 6.81 8.71 8.14
N ILE A 98 6.24 7.54 7.84
CA ILE A 98 4.85 7.22 8.11
C ILE A 98 4.84 5.94 8.93
N THR A 99 4.07 5.92 10.01
CA THR A 99 4.07 4.80 10.94
C THR A 99 2.64 4.32 11.15
N GLU A 100 2.52 3.17 11.81
CA GLU A 100 1.25 2.44 11.91
C GLU A 100 0.54 2.80 13.21
N LEU A 101 -0.74 3.11 13.10
CA LEU A 101 -1.63 3.31 14.24
C LEU A 101 -2.64 2.18 14.20
N VAL A 102 -2.32 1.07 14.89
CA VAL A 102 -3.22 -0.07 14.90
C VAL A 102 -4.33 0.19 15.90
N LEU A 103 -5.21 1.12 15.49
CA LEU A 103 -6.35 1.64 16.24
C LEU A 103 -7.26 0.56 16.81
N ASN A 104 -7.49 -0.49 16.06
CA ASN A 104 -8.74 -1.23 16.19
C ASN A 104 -8.68 -2.32 17.26
N HIS A 105 -7.49 -2.81 17.59
CA HIS A 105 -7.31 -4.03 18.38
C HIS A 105 -5.90 -4.05 18.93
N THR A 106 -5.67 -4.90 19.92
CA THR A 106 -4.34 -5.09 20.50
C THR A 106 -4.05 -6.58 20.49
N SER A 107 -2.79 -6.92 20.73
CA SER A 107 -2.47 -8.29 21.07
C SER A 107 -3.21 -8.69 22.34
N ASP A 108 -3.58 -9.96 22.44
CA ASP A 108 -4.14 -10.45 23.70
C ASP A 108 -3.09 -10.54 24.80
N GLN A 109 -1.83 -10.21 24.48
CA GLN A 109 -0.76 -10.07 25.44
C GLN A 109 -0.51 -8.63 25.83
N HIS A 110 -1.26 -7.69 25.27
CA HIS A 110 -1.21 -6.33 25.82
C HIS A 110 -1.65 -6.37 27.28
N GLN A 111 -1.02 -5.53 28.10
CA GLN A 111 -1.36 -5.55 29.52
C GLN A 111 -2.82 -5.20 29.74
N TRP A 112 -3.38 -4.27 28.96
CA TRP A 112 -4.79 -3.91 29.10
C TRP A 112 -5.68 -5.14 29.10
N PHE A 113 -5.48 -6.02 28.12
CA PHE A 113 -6.33 -7.20 28.01
C PHE A 113 -6.02 -8.20 29.09
N ARG A 114 -4.74 -8.31 29.49
CA ARG A 114 -4.39 -9.23 30.56
C ARG A 114 -5.02 -8.84 31.88
N GLU A 115 -5.14 -7.53 32.16
CA GLU A 115 -5.93 -7.07 33.30
C GLU A 115 -7.41 -7.33 33.08
N ALA A 116 -7.94 -6.92 31.93
CA ALA A 116 -9.37 -6.95 31.70
C ALA A 116 -9.94 -8.36 31.82
N ARG A 117 -9.19 -9.37 31.37
CA ARG A 117 -9.70 -10.74 31.42
C ARG A 117 -9.72 -11.30 32.83
N SER A 118 -8.95 -10.69 33.75
CA SER A 118 -8.76 -11.26 35.08
C SER A 118 -9.95 -10.96 35.99
N ASN A 119 -10.23 -9.69 36.23
CA ASN A 119 -11.28 -9.32 37.15
C ASN A 119 -12.33 -8.45 36.46
N PRO A 120 -13.62 -8.82 36.53
CA PRO A 120 -14.70 -7.98 35.98
C PRO A 120 -14.77 -6.58 36.54
N ASN A 121 -13.96 -6.27 37.55
CA ASN A 121 -13.99 -4.95 38.17
C ASN A 121 -12.76 -4.12 37.88
N SER A 122 -11.83 -4.61 37.05
CA SER A 122 -10.65 -3.81 36.77
C SER A 122 -11.02 -2.58 35.95
N PRO A 123 -10.22 -1.52 36.03
CA PRO A 123 -10.46 -0.35 35.18
C PRO A 123 -10.41 -0.66 33.69
N TYR A 124 -9.87 -1.83 33.31
CA TYR A 124 -9.62 -2.19 31.92
C TYR A 124 -10.66 -3.15 31.36
N ARG A 125 -11.60 -3.62 32.18
CA ARG A 125 -12.58 -4.59 31.72
C ARG A 125 -13.31 -4.11 30.48
N ASP A 126 -13.65 -2.83 30.43
CA ASP A 126 -14.42 -2.28 29.32
C ASP A 126 -13.52 -1.70 28.24
N TYR A 127 -12.20 -1.88 28.34
CA TYR A 127 -11.34 -1.58 27.22
C TYR A 127 -11.65 -2.46 26.02
N TYR A 128 -12.26 -3.62 26.24
CA TYR A 128 -12.52 -4.59 25.20
C TYR A 128 -14.02 -4.80 25.05
N VAL A 129 -14.41 -5.71 24.16
CA VAL A 129 -15.79 -5.89 23.75
C VAL A 129 -16.21 -7.29 24.18
N TRP A 130 -17.03 -7.36 25.22
CA TRP A 130 -17.42 -8.61 25.85
C TRP A 130 -18.88 -8.93 25.58
N SER A 131 -19.21 -10.22 25.63
CA SER A 131 -20.56 -10.68 25.39
C SER A 131 -20.72 -12.08 25.95
N ASP A 132 -21.87 -12.35 26.58
CA ASP A 132 -22.15 -13.67 27.11
C ASP A 132 -22.59 -14.64 26.03
N THR A 133 -22.90 -14.15 24.83
CA THR A 133 -23.36 -14.99 23.75
C THR A 133 -22.55 -14.66 22.50
N ASP A 134 -22.31 -15.69 21.68
CA ASP A 134 -21.51 -15.52 20.48
C ASP A 134 -22.37 -15.39 19.22
N ASP A 135 -23.59 -14.90 19.35
CA ASP A 135 -24.39 -14.59 18.17
C ASP A 135 -24.63 -13.09 18.00
N LYS A 136 -24.09 -12.26 18.90
CA LYS A 136 -24.12 -10.83 18.71
C LYS A 136 -23.41 -10.46 17.41
N TYR A 137 -23.80 -9.32 16.83
CA TYR A 137 -23.20 -8.84 15.59
C TYR A 137 -23.25 -9.91 14.50
N LYS A 138 -24.42 -10.53 14.38
CA LYS A 138 -24.68 -11.61 13.44
C LYS A 138 -24.23 -11.28 12.02
N ASP A 139 -24.32 -10.02 11.61
CA ASP A 139 -24.17 -9.69 10.21
C ASP A 139 -22.74 -9.31 9.81
N ALA A 140 -21.80 -9.26 10.75
CA ALA A 140 -20.40 -8.96 10.40
C ALA A 140 -19.75 -10.20 9.81
N ARG A 141 -19.07 -10.03 8.69
CA ARG A 141 -18.39 -11.17 8.11
C ARG A 141 -17.13 -11.48 8.88
N ILE A 142 -16.62 -12.67 8.69
CA ILE A 142 -15.30 -13.05 9.19
C ILE A 142 -14.27 -12.68 8.13
N ILE A 143 -13.25 -11.94 8.52
CA ILE A 143 -12.25 -11.53 7.54
C ILE A 143 -11.24 -12.65 7.29
N PHE A 144 -10.65 -13.19 8.35
CA PHE A 144 -9.68 -14.28 8.18
C PHE A 144 -10.41 -15.62 8.13
N ILE A 145 -11.26 -15.76 7.09
CA ILE A 145 -12.15 -16.91 6.94
C ILE A 145 -11.43 -18.24 6.89
N ASP A 146 -10.16 -18.27 6.54
CA ASP A 146 -9.45 -19.54 6.53
C ASP A 146 -8.98 -19.99 7.91
N THR A 147 -8.98 -19.10 8.90
CA THR A 147 -8.46 -19.44 10.23
C THR A 147 -9.52 -19.35 11.31
N GLU A 148 -10.40 -18.36 11.25
CA GLU A 148 -11.31 -18.08 12.35
C GLU A 148 -12.70 -18.61 12.02
N ARG A 149 -13.28 -19.33 12.97
CA ARG A 149 -14.64 -19.83 12.81
C ARG A 149 -15.68 -18.79 13.20
N SER A 150 -15.26 -17.70 13.84
CA SER A 150 -16.18 -16.75 14.47
C SER A 150 -15.42 -15.48 14.84
N ASN A 151 -16.15 -14.37 14.92
CA ASN A 151 -15.59 -13.14 15.45
C ASN A 151 -15.67 -13.07 16.98
N TRP A 152 -16.22 -14.10 17.65
CA TRP A 152 -16.22 -14.22 19.11
C TRP A 152 -15.39 -15.44 19.48
N THR A 153 -14.48 -15.30 20.45
CA THR A 153 -13.92 -16.49 21.08
C THR A 153 -14.11 -16.41 22.58
N TRP A 154 -14.27 -17.60 23.17
CA TRP A 154 -14.52 -17.74 24.59
C TRP A 154 -13.22 -17.55 25.35
N ASP A 155 -13.27 -16.75 26.41
CA ASP A 155 -12.14 -16.58 27.32
C ASP A 155 -12.56 -17.18 28.66
N GLN A 156 -11.95 -18.31 29.03
CA GLN A 156 -12.37 -19.01 30.25
C GLN A 156 -12.09 -18.16 31.50
N GLU A 157 -10.95 -17.49 31.54
CA GLU A 157 -10.63 -16.63 32.67
C GLU A 157 -11.64 -15.50 32.86
N ALA A 158 -12.31 -15.09 31.78
CA ALA A 158 -13.21 -13.94 31.86
C ALA A 158 -14.68 -14.34 31.94
N GLY A 159 -15.01 -15.60 31.69
CA GLY A 159 -16.39 -16.04 31.71
C GLY A 159 -17.25 -15.37 30.65
N LYS A 160 -16.60 -14.77 29.65
CA LYS A 160 -17.31 -14.10 28.57
C LYS A 160 -16.61 -14.37 27.24
N TYR A 161 -17.35 -14.18 26.15
CA TYR A 161 -16.76 -14.08 24.83
C TYR A 161 -16.22 -12.68 24.60
N TYR A 162 -15.14 -12.59 23.82
CA TYR A 162 -14.65 -11.29 23.37
C TYR A 162 -14.57 -11.26 21.85
N TRP A 163 -14.57 -10.03 21.33
CA TRP A 163 -14.73 -9.73 19.92
C TRP A 163 -13.38 -9.47 19.26
N HIS A 164 -13.20 -9.99 18.04
CA HIS A 164 -12.00 -9.74 17.26
C HIS A 164 -12.33 -9.84 15.78
N ARG A 165 -12.09 -8.77 15.06
CA ARG A 165 -12.27 -8.78 13.63
C ARG A 165 -11.20 -9.57 12.93
N PHE A 166 -10.06 -9.72 13.57
CA PHE A 166 -8.98 -10.44 12.98
C PHE A 166 -8.69 -11.70 13.73
N PHE A 167 -7.44 -12.00 13.98
CA PHE A 167 -7.14 -13.23 14.68
C PHE A 167 -7.61 -13.24 16.13
N SER A 168 -7.86 -14.40 16.70
CA SER A 168 -8.39 -14.50 18.07
C SER A 168 -7.44 -13.87 19.09
N HIS A 169 -6.14 -13.84 18.79
CA HIS A 169 -5.22 -13.16 19.69
C HIS A 169 -5.15 -11.67 19.43
N GLN A 170 -6.11 -11.09 18.70
CA GLN A 170 -6.21 -9.64 18.51
C GLN A 170 -7.58 -9.14 18.93
N PRO A 171 -7.85 -9.04 20.24
CA PRO A 171 -9.15 -8.52 20.70
C PRO A 171 -9.35 -7.07 20.30
N ASP A 172 -10.55 -6.76 19.80
CA ASP A 172 -10.87 -5.39 19.41
C ASP A 172 -10.96 -4.49 20.64
N LEU A 173 -10.48 -3.26 20.49
CA LEU A 173 -10.73 -2.21 21.47
C LEU A 173 -12.18 -1.73 21.39
N ASN A 174 -12.66 -1.19 22.52
CA ASN A 174 -14.06 -0.75 22.66
C ASN A 174 -14.13 0.77 22.52
N TYR A 175 -14.67 1.23 21.41
CA TYR A 175 -14.71 2.65 21.14
C TYR A 175 -15.93 3.32 21.75
N ASP A 176 -16.82 2.54 22.35
CA ASP A 176 -17.85 3.08 23.23
C ASP A 176 -17.31 3.45 24.60
N ASN A 177 -16.04 3.16 24.90
CA ASN A 177 -15.44 3.53 26.16
C ASN A 177 -14.63 4.78 25.95
N PRO A 178 -15.02 5.92 26.53
CA PRO A 178 -14.26 7.15 26.30
C PRO A 178 -12.80 7.07 26.73
N LYS A 179 -12.45 6.15 27.64
CA LYS A 179 -11.05 6.03 28.01
C LYS A 179 -10.23 5.40 26.89
N VAL A 180 -10.79 4.37 26.22
CA VAL A 180 -10.12 3.79 25.06
C VAL A 180 -9.76 4.88 24.05
N GLN A 181 -10.76 5.69 23.65
CA GLN A 181 -10.51 6.76 22.69
C GLN A 181 -9.38 7.68 23.16
N GLN A 182 -9.28 7.88 24.47
CA GLN A 182 -8.24 8.77 25.00
C GLN A 182 -6.88 8.10 24.94
N GLU A 183 -6.84 6.77 25.10
CA GLU A 183 -5.57 6.05 24.96
C GLU A 183 -5.04 6.18 23.53
N ILE A 184 -5.92 6.10 22.55
CA ILE A 184 -5.52 6.24 21.15
C ILE A 184 -4.93 7.63 20.91
N LEU A 185 -5.66 8.68 21.30
CA LEU A 185 -5.15 10.03 21.08
C LEU A 185 -3.80 10.22 21.76
N ASP A 186 -3.57 9.55 22.89
CA ASP A 186 -2.29 9.71 23.56
C ASP A 186 -1.19 8.96 22.84
N ILE A 187 -1.51 7.78 22.28
CA ILE A 187 -0.56 7.12 21.38
C ILE A 187 -0.26 8.01 20.18
N VAL A 188 -1.29 8.65 19.62
CA VAL A 188 -1.06 9.55 18.51
C VAL A 188 -0.07 10.64 18.90
N GLY A 189 -0.34 11.30 20.03
CA GLY A 189 0.51 12.39 20.45
C GLY A 189 1.92 11.92 20.76
N TYR A 190 2.03 10.75 21.38
CA TYR A 190 3.34 10.20 21.71
C TYR A 190 4.22 10.06 20.47
N TRP A 191 3.64 9.70 19.33
CA TRP A 191 4.47 9.48 18.16
C TRP A 191 4.60 10.73 17.30
N LEU A 192 3.51 11.48 17.13
CA LEU A 192 3.63 12.72 16.39
C LEU A 192 4.57 13.70 17.10
N ASP A 193 4.60 13.66 18.45
CA ASP A 193 5.59 14.45 19.21
C ASP A 193 7.01 14.17 18.75
N MET A 194 7.34 12.92 18.45
CA MET A 194 8.72 12.65 18.05
C MET A 194 9.02 13.20 16.67
N GLY A 195 8.03 13.70 15.95
CA GLY A 195 8.25 14.23 14.61
C GLY A 195 7.84 13.31 13.47
N VAL A 196 7.10 12.22 13.75
CA VAL A 196 6.58 11.37 12.69
C VAL A 196 5.66 12.19 11.79
N ASP A 197 5.80 12.00 10.48
CA ASP A 197 5.04 12.83 9.55
C ASP A 197 3.64 12.33 9.25
N GLY A 198 3.39 11.03 9.31
CA GLY A 198 2.10 10.48 8.92
C GLY A 198 1.77 9.25 9.70
N LEU A 199 0.47 8.99 9.87
CA LEU A 199 0.00 7.80 10.54
C LEU A 199 -0.90 7.02 9.61
N ARG A 200 -0.66 5.70 9.51
CA ARG A 200 -1.54 4.84 8.77
C ARG A 200 -2.58 4.28 9.72
N LEU A 201 -3.85 4.51 9.41
CA LEU A 201 -4.94 4.06 10.28
C LEU A 201 -5.30 2.64 9.86
N ASP A 202 -4.78 1.67 10.59
CA ASP A 202 -4.97 0.28 10.22
C ASP A 202 -6.40 -0.18 10.52
N ALA A 203 -6.96 -0.99 9.61
CA ALA A 203 -8.27 -1.62 9.80
C ALA A 203 -9.36 -0.62 10.24
N VAL A 204 -9.28 0.61 9.74
CA VAL A 204 -10.10 1.71 10.23
C VAL A 204 -11.61 1.52 10.00
N PRO A 205 -12.11 0.69 9.06
CA PRO A 205 -13.57 0.57 8.94
C PRO A 205 -14.23 -0.22 10.05
N TYR A 206 -13.46 -0.82 10.96
CA TYR A 206 -13.98 -1.79 11.91
C TYR A 206 -13.97 -1.28 13.35
N LEU A 207 -13.78 0.02 13.55
CA LEU A 207 -13.67 0.56 14.90
C LEU A 207 -14.91 0.19 15.71
N TYR A 208 -16.05 0.81 15.41
CA TYR A 208 -17.29 0.58 16.12
C TYR A 208 -18.04 -0.62 15.55
N GLU A 209 -18.71 -1.34 16.44
CA GLU A 209 -19.69 -2.35 16.09
C GLU A 209 -21.07 -1.86 16.53
N ARG A 210 -22.13 -2.40 15.89
CA ARG A 210 -23.52 -2.06 16.22
C ARG A 210 -24.40 -3.24 15.84
N GLU A 211 -25.41 -3.50 16.66
CA GLU A 211 -26.28 -4.64 16.41
C GLU A 211 -27.22 -4.35 15.24
N GLY A 212 -27.63 -5.42 14.55
CA GLY A 212 -28.37 -5.25 13.31
C GLY A 212 -27.63 -4.42 12.28
N THR A 213 -26.33 -4.66 12.14
CA THR A 213 -25.42 -3.85 11.34
C THR A 213 -24.26 -4.76 11.00
N ASN A 214 -23.58 -4.48 9.88
CA ASN A 214 -22.45 -5.32 9.49
C ASN A 214 -21.15 -4.91 10.16
N CYS A 215 -21.20 -3.85 10.97
CA CYS A 215 -20.09 -3.43 11.81
C CYS A 215 -18.92 -2.95 10.96
N GLU A 216 -19.24 -2.33 9.84
CA GLU A 216 -18.27 -1.72 8.96
C GLU A 216 -18.76 -0.32 8.59
N ASN A 217 -17.84 0.64 8.56
CA ASN A 217 -18.13 1.95 7.98
C ASN A 217 -19.25 2.68 8.72
N LEU A 218 -19.41 2.37 10.02
CA LEU A 218 -20.48 2.98 10.80
C LEU A 218 -20.27 4.48 10.95
N PRO A 219 -21.36 5.25 11.03
CA PRO A 219 -21.22 6.71 11.26
C PRO A 219 -20.40 7.06 12.48
N GLU A 220 -20.46 6.25 13.54
CA GLU A 220 -19.69 6.56 14.73
C GLU A 220 -18.20 6.46 14.47
N THR A 221 -17.79 5.47 13.65
CA THR A 221 -16.38 5.37 13.26
C THR A 221 -15.94 6.62 12.52
N HIS A 222 -16.70 7.04 11.50
CA HIS A 222 -16.37 8.26 10.80
C HIS A 222 -16.32 9.45 11.75
N GLU A 223 -17.21 9.45 12.76
CA GLU A 223 -17.25 10.53 13.74
C GLU A 223 -15.95 10.60 14.52
N PHE A 224 -15.45 9.44 14.97
CA PHE A 224 -14.20 9.44 15.69
C PHE A 224 -13.06 9.97 14.82
N LEU A 225 -13.10 9.68 13.51
CA LEU A 225 -11.99 10.11 12.66
C LEU A 225 -12.01 11.61 12.42
N LYS A 226 -13.22 12.21 12.32
CA LYS A 226 -13.29 13.67 12.30
C LYS A 226 -12.70 14.25 13.58
N LYS A 227 -12.92 13.58 14.71
CA LYS A 227 -12.31 14.04 15.95
C LYS A 227 -10.80 13.88 15.89
N LEU A 228 -10.33 12.69 15.48
CA LEU A 228 -8.88 12.48 15.36
C LEU A 228 -8.25 13.49 14.42
N ARG A 229 -8.88 13.73 13.27
CA ARG A 229 -8.37 14.75 12.35
C ARG A 229 -8.26 16.10 13.02
N LYS A 230 -9.32 16.52 13.73
CA LYS A 230 -9.27 17.81 14.41
C LYS A 230 -8.20 17.80 15.50
N PHE A 231 -8.13 16.72 16.27
CA PHE A 231 -7.08 16.60 17.28
C PHE A 231 -5.69 16.75 16.68
N VAL A 232 -5.44 16.06 15.56
CA VAL A 232 -4.10 16.13 14.94
C VAL A 232 -3.84 17.53 14.41
N ASP A 233 -4.83 18.15 13.74
CA ASP A 233 -4.60 19.46 13.16
C ASP A 233 -4.33 20.53 14.22
N ASP A 234 -4.90 20.39 15.42
CA ASP A 234 -4.75 21.42 16.45
C ASP A 234 -3.38 21.37 17.13
N ASN A 235 -2.69 20.23 17.12
CA ASN A 235 -1.44 20.11 17.85
C ASN A 235 -0.23 19.84 16.98
N TRP A 236 -0.41 19.32 15.77
CA TRP A 236 0.75 19.17 14.90
C TRP A 236 0.38 19.60 13.49
N PRO A 237 1.04 20.61 12.96
CA PRO A 237 0.68 21.09 11.63
C PRO A 237 1.31 20.22 10.56
N ASN A 238 0.54 20.03 9.48
CA ASN A 238 1.02 19.44 8.25
C ASN A 238 1.36 17.97 8.40
N ARG A 239 0.63 17.24 9.25
CA ARG A 239 0.76 15.80 9.30
C ARG A 239 -0.25 15.18 8.33
N MET A 240 -0.31 13.85 8.31
CA MET A 240 -1.11 13.17 7.31
C MET A 240 -1.67 11.91 7.95
N LEU A 241 -2.97 11.66 7.74
CA LEU A 241 -3.63 10.45 8.17
C LEU A 241 -4.05 9.66 6.94
N LEU A 242 -3.72 8.38 6.94
CA LEU A 242 -3.89 7.51 5.77
C LEU A 242 -4.78 6.33 6.15
N ALA A 243 -5.90 6.18 5.45
CA ALA A 243 -6.93 5.22 5.83
C ALA A 243 -6.74 3.90 5.06
N GLU A 244 -6.57 2.81 5.79
CA GLU A 244 -6.67 1.48 5.18
C GLU A 244 -8.14 1.10 5.21
N ALA A 245 -8.87 1.46 4.15
CA ALA A 245 -10.29 1.17 4.02
C ALA A 245 -10.52 0.40 2.73
N ASN A 246 -10.50 -0.93 2.83
CA ASN A 246 -10.74 -1.77 1.65
C ASN A 246 -12.25 -2.00 1.56
N GLN A 247 -12.94 -1.06 0.92
CA GLN A 247 -14.38 -1.14 0.75
C GLN A 247 -14.73 -0.81 -0.69
N TRP A 248 -16.01 -0.94 -1.03
CA TRP A 248 -16.46 -0.50 -2.33
C TRP A 248 -16.32 1.03 -2.44
N PRO A 249 -16.24 1.57 -3.67
CA PRO A 249 -15.77 2.96 -3.84
C PRO A 249 -16.54 4.01 -3.07
N GLU A 250 -17.88 3.93 -3.04
CA GLU A 250 -18.67 4.90 -2.29
C GLU A 250 -18.27 4.93 -0.83
N ASP A 251 -18.11 3.75 -0.22
CA ASP A 251 -17.72 3.68 1.18
C ASP A 251 -16.27 4.10 1.42
N VAL A 252 -15.38 3.93 0.44
CA VAL A 252 -14.00 4.36 0.64
C VAL A 252 -13.94 5.89 0.64
N VAL A 253 -14.65 6.51 -0.29
CA VAL A 253 -14.55 7.96 -0.41
C VAL A 253 -15.04 8.66 0.84
N ALA A 254 -15.94 8.03 1.59
CA ALA A 254 -16.45 8.64 2.81
C ALA A 254 -15.36 8.82 3.87
N TYR A 255 -14.27 8.05 3.82
CA TYR A 255 -13.21 8.28 4.80
C TYR A 255 -12.49 9.59 4.57
N PHE A 256 -12.67 10.22 3.41
CA PHE A 256 -12.21 11.59 3.25
C PHE A 256 -13.17 12.59 3.89
N GLY A 257 -14.33 12.13 4.36
CA GLY A 257 -15.35 13.02 4.89
C GLY A 257 -15.57 14.17 3.95
N ASN A 258 -15.28 15.38 4.39
CA ASN A 258 -15.39 16.53 3.50
C ASN A 258 -14.19 17.43 3.59
N GLY A 259 -13.00 16.85 3.72
CA GLY A 259 -11.83 17.60 4.08
C GLY A 259 -11.52 17.56 5.54
N ASP A 260 -12.37 16.90 6.33
CA ASP A 260 -12.35 16.96 7.78
C ASP A 260 -12.11 15.59 8.41
N GLU A 261 -11.63 14.64 7.61
CA GLU A 261 -11.35 13.29 8.10
C GLU A 261 -10.03 12.53 7.97
N CYS A 262 -9.67 12.12 6.76
CA CYS A 262 -8.44 11.38 6.56
C CYS A 262 -7.89 12.17 5.36
N HIS A 263 -6.59 12.45 5.38
CA HIS A 263 -6.00 13.09 4.20
C HIS A 263 -5.92 12.12 3.03
N MET A 264 -5.53 10.88 3.27
CA MET A 264 -5.32 9.93 2.19
C MET A 264 -6.08 8.65 2.47
N ALA A 265 -6.39 7.93 1.38
CA ALA A 265 -6.95 6.59 1.47
C ALA A 265 -6.34 5.74 0.37
N TYR A 266 -6.18 4.45 0.65
CA TYR A 266 -5.67 3.56 -0.38
C TYR A 266 -6.74 3.40 -1.44
N HIS A 267 -6.34 3.39 -2.70
CA HIS A 267 -7.29 3.16 -3.79
C HIS A 267 -7.48 1.65 -3.99
N PHE A 268 -8.06 1.03 -2.97
CA PHE A 268 -8.37 -0.40 -3.09
C PHE A 268 -9.30 -0.75 -4.25
N PRO A 269 -10.22 0.10 -4.69
CA PRO A 269 -11.03 -0.29 -5.85
C PRO A 269 -10.22 -0.52 -7.12
N ILE A 270 -9.31 0.40 -7.47
CA ILE A 270 -8.59 0.31 -8.74
C ILE A 270 -7.63 -0.90 -8.75
N MET A 271 -7.08 -1.26 -7.59
CA MET A 271 -5.97 -2.20 -7.56
C MET A 271 -6.29 -3.53 -8.21
N PRO A 272 -7.38 -4.22 -7.88
CA PRO A 272 -7.63 -5.50 -8.55
C PRO A 272 -8.05 -5.34 -9.98
N ARG A 273 -8.61 -4.19 -10.35
CA ARG A 273 -9.07 -4.05 -11.73
C ARG A 273 -7.91 -3.83 -12.70
N MET A 274 -6.77 -3.33 -12.21
CA MET A 274 -5.60 -3.25 -13.08
C MET A 274 -5.17 -4.64 -13.54
N TYR A 275 -5.15 -5.63 -12.63
CA TYR A 275 -4.79 -6.98 -13.03
C TYR A 275 -5.82 -7.58 -13.98
N MET A 276 -7.10 -7.26 -13.81
CA MET A 276 -8.12 -7.81 -14.71
C MET A 276 -7.99 -7.20 -16.11
N ALA A 277 -7.84 -5.88 -16.17
CA ALA A 277 -7.69 -5.19 -17.45
C ALA A 277 -6.52 -5.73 -18.24
N LEU A 278 -5.38 -5.91 -17.55
CA LEU A 278 -4.19 -6.43 -18.22
C LEU A 278 -4.45 -7.83 -18.74
N ARG A 279 -5.02 -8.68 -17.91
CA ARG A 279 -5.24 -10.06 -18.35
C ARG A 279 -6.30 -10.12 -19.43
N ARG A 280 -7.36 -9.31 -19.33
CA ARG A 280 -8.38 -9.28 -20.36
C ARG A 280 -7.93 -8.56 -21.62
N GLU A 281 -6.82 -7.83 -21.56
CA GLU A 281 -6.35 -7.01 -22.68
C GLU A 281 -7.44 -6.04 -23.11
N ASP A 282 -8.06 -5.40 -22.13
CA ASP A 282 -9.20 -4.52 -22.37
C ASP A 282 -9.31 -3.56 -21.19
N ARG A 283 -9.42 -2.26 -21.50
CA ARG A 283 -9.33 -1.21 -20.49
C ARG A 283 -10.55 -1.11 -19.60
N HIS A 284 -11.63 -1.83 -19.91
CA HIS A 284 -12.89 -1.54 -19.24
C HIS A 284 -12.85 -1.71 -17.73
N PRO A 285 -12.28 -2.79 -17.15
CA PRO A 285 -12.27 -2.87 -15.68
C PRO A 285 -11.69 -1.64 -15.02
N ILE A 286 -10.64 -1.06 -15.61
CA ILE A 286 -10.05 0.14 -15.02
C ILE A 286 -10.98 1.34 -15.16
N THR A 287 -11.40 1.65 -16.41
CA THR A 287 -12.18 2.87 -16.61
C THR A 287 -13.54 2.78 -15.95
N GLU A 288 -14.12 1.57 -15.92
CA GLU A 288 -15.42 1.35 -15.29
C GLU A 288 -15.38 1.59 -13.78
N ILE A 289 -14.37 1.04 -13.09
CA ILE A 289 -14.35 1.21 -11.64
C ILE A 289 -14.06 2.65 -11.28
N LEU A 290 -13.31 3.36 -12.12
CA LEU A 290 -13.03 4.77 -11.86
C LEU A 290 -14.26 5.62 -12.13
N ARG A 291 -15.05 5.28 -13.15
CA ARG A 291 -16.35 5.94 -13.32
C ARG A 291 -17.22 5.77 -12.08
N ARG A 292 -17.16 4.60 -11.44
CA ARG A 292 -17.97 4.34 -10.26
C ARG A 292 -17.33 4.81 -8.97
N THR A 293 -16.25 5.58 -9.04
CA THR A 293 -15.62 6.08 -7.84
C THR A 293 -15.88 7.58 -7.72
N PRO A 294 -16.62 8.01 -6.71
CA PRO A 294 -17.00 9.42 -6.59
C PRO A 294 -15.77 10.30 -6.44
N PRO A 295 -15.90 11.59 -6.76
CA PRO A 295 -14.78 12.51 -6.52
C PRO A 295 -14.56 12.71 -5.04
N ILE A 296 -13.40 13.27 -4.70
CA ILE A 296 -12.95 13.33 -3.32
C ILE A 296 -12.64 14.78 -3.00
N PRO A 297 -12.57 15.14 -1.72
CA PRO A 297 -12.28 16.52 -1.37
C PRO A 297 -10.97 16.98 -2.00
N GLU A 298 -10.88 18.30 -2.15
CA GLU A 298 -9.82 18.87 -2.98
C GLU A 298 -8.43 18.66 -2.37
N THR A 299 -8.30 18.73 -1.05
CA THR A 299 -7.03 18.58 -0.37
C THR A 299 -6.66 17.12 -0.12
N CYS A 300 -7.54 16.19 -0.47
CA CYS A 300 -7.35 14.78 -0.22
C CYS A 300 -6.64 14.10 -1.39
N GLN A 301 -6.13 12.90 -1.13
CA GLN A 301 -5.24 12.22 -2.06
C GLN A 301 -5.45 10.71 -1.97
N TRP A 302 -5.52 10.06 -3.12
CA TRP A 302 -5.50 8.61 -3.18
C TRP A 302 -4.07 8.12 -3.01
N ALA A 303 -3.93 6.98 -2.33
CA ALA A 303 -2.68 6.24 -2.31
C ALA A 303 -2.80 5.09 -3.31
N LEU A 304 -1.94 5.10 -4.32
CA LEU A 304 -1.93 4.08 -5.37
C LEU A 304 -0.92 3.00 -5.04
N PHE A 305 -1.29 1.74 -5.26
CA PHE A 305 -0.38 0.62 -5.03
C PHE A 305 -0.76 -0.56 -5.92
N LEU A 306 0.23 -1.39 -6.22
CA LEU A 306 0.02 -2.65 -6.92
C LEU A 306 -0.01 -3.84 -5.96
N ARG A 307 0.92 -3.88 -5.00
CA ARG A 307 0.97 -4.95 -4.01
C ARG A 307 1.40 -4.35 -2.68
N ASN A 308 1.38 -5.18 -1.64
CA ASN A 308 1.77 -4.73 -0.31
C ASN A 308 2.17 -5.97 0.49
N HIS A 309 2.24 -5.82 1.82
CA HIS A 309 2.64 -6.90 2.72
C HIS A 309 1.53 -7.90 2.93
N ASP A 310 0.35 -7.66 2.36
CA ASP A 310 -0.75 -8.60 2.48
C ASP A 310 -0.91 -9.35 1.18
N GLU A 311 -1.87 -10.28 1.17
CA GLU A 311 -2.32 -10.89 -0.06
C GLU A 311 -2.95 -9.81 -0.95
N LEU A 312 -2.98 -10.08 -2.26
CA LEU A 312 -3.80 -9.28 -3.18
C LEU A 312 -5.26 -9.52 -2.82
N THR A 313 -5.93 -8.52 -2.24
CA THR A 313 -7.24 -8.74 -1.66
C THR A 313 -8.32 -8.78 -2.74
N LEU A 314 -9.16 -9.80 -2.69
CA LEU A 314 -10.35 -9.89 -3.53
C LEU A 314 -11.64 -9.82 -2.72
N GLU A 315 -11.60 -9.08 -1.59
CA GLU A 315 -12.80 -8.96 -0.76
C GLU A 315 -13.86 -8.07 -1.41
N MET A 316 -13.44 -6.96 -2.05
CA MET A 316 -14.35 -5.96 -2.58
C MET A 316 -14.41 -5.99 -4.10
N VAL A 317 -14.41 -7.17 -4.67
CA VAL A 317 -14.71 -7.40 -6.08
C VAL A 317 -15.90 -8.36 -6.13
N THR A 318 -16.56 -8.44 -7.28
CA THR A 318 -17.71 -9.32 -7.35
C THR A 318 -17.27 -10.78 -7.25
N ASP A 319 -18.25 -11.67 -7.01
CA ASP A 319 -17.94 -13.09 -6.92
C ASP A 319 -17.37 -13.62 -8.23
N GLU A 320 -17.91 -13.19 -9.36
CA GLU A 320 -17.44 -13.72 -10.62
C GLU A 320 -16.06 -13.15 -10.96
N GLU A 321 -15.79 -11.92 -10.56
CA GLU A 321 -14.45 -11.36 -10.69
C GLU A 321 -13.47 -12.12 -9.83
N ARG A 322 -13.86 -12.47 -8.60
CA ARG A 322 -12.97 -13.24 -7.75
C ARG A 322 -12.61 -14.56 -8.41
N ASP A 323 -13.62 -15.24 -8.98
CA ASP A 323 -13.34 -16.52 -9.61
C ASP A 323 -12.43 -16.34 -10.81
N TYR A 324 -12.68 -15.28 -11.60
CA TYR A 324 -11.82 -14.97 -12.73
C TYR A 324 -10.38 -14.76 -12.27
N MET A 325 -10.19 -13.90 -11.27
CA MET A 325 -8.86 -13.63 -10.76
C MET A 325 -8.20 -14.90 -10.23
N TYR A 326 -8.95 -15.75 -9.52
CA TYR A 326 -8.40 -17.02 -9.06
C TYR A 326 -7.91 -17.85 -10.24
N HIS A 327 -8.77 -18.04 -11.24
CA HIS A 327 -8.43 -18.93 -12.35
C HIS A 327 -7.26 -18.38 -13.17
N GLU A 328 -7.15 -17.05 -13.27
CA GLU A 328 -6.13 -16.44 -14.10
C GLU A 328 -4.81 -16.22 -13.37
N TYR A 329 -4.84 -15.92 -12.06
CA TYR A 329 -3.66 -15.51 -11.32
C TYR A 329 -3.32 -16.39 -10.12
N ALA A 330 -4.12 -17.41 -9.84
CA ALA A 330 -3.88 -18.28 -8.69
C ALA A 330 -4.34 -19.71 -9.03
N LYS A 331 -3.77 -20.28 -10.08
CA LYS A 331 -4.20 -21.61 -10.52
C LYS A 331 -3.83 -22.69 -9.50
N ASP A 332 -2.73 -22.52 -8.79
CA ASP A 332 -2.39 -23.42 -7.69
C ASP A 332 -3.16 -22.98 -6.45
N PRO A 333 -3.97 -23.84 -5.84
CA PRO A 333 -4.77 -23.39 -4.70
C PRO A 333 -3.95 -22.96 -3.49
N ARG A 334 -2.71 -23.41 -3.36
CA ARG A 334 -1.84 -22.87 -2.32
C ARG A 334 -1.57 -21.38 -2.50
N MET A 335 -1.79 -20.83 -3.70
CA MET A 335 -1.63 -19.39 -3.92
C MET A 335 -2.76 -18.57 -3.34
N ARG A 336 -3.82 -19.20 -2.84
CA ARG A 336 -4.98 -18.47 -2.35
C ARG A 336 -4.95 -18.38 -0.83
N LEU A 337 -5.56 -17.32 -0.32
CA LEU A 337 -5.59 -17.06 1.12
C LEU A 337 -6.77 -16.17 1.44
N ASN A 338 -7.69 -16.67 2.25
CA ASN A 338 -8.94 -15.95 2.55
C ASN A 338 -9.61 -15.65 1.22
N LEU A 339 -9.99 -14.41 0.93
CA LEU A 339 -10.53 -14.05 -0.36
C LEU A 339 -9.46 -13.25 -1.11
N GLY A 340 -8.38 -13.93 -1.47
CA GLY A 340 -7.25 -13.20 -2.02
C GLY A 340 -6.19 -14.13 -2.54
N ILE A 341 -5.10 -13.52 -2.99
CA ILE A 341 -4.03 -14.21 -3.70
C ILE A 341 -2.73 -13.80 -3.03
N ARG A 342 -2.07 -14.75 -2.35
CA ARG A 342 -0.86 -14.42 -1.59
C ARG A 342 0.38 -14.59 -2.49
N ARG A 343 0.50 -13.69 -3.47
CA ARG A 343 1.58 -13.70 -4.44
C ARG A 343 2.16 -12.30 -4.59
N ARG A 344 3.43 -12.24 -4.99
CA ARG A 344 4.11 -10.97 -5.28
C ARG A 344 3.84 -10.53 -6.71
N LEU A 345 4.16 -9.26 -6.96
CA LEU A 345 3.85 -8.63 -8.25
C LEU A 345 4.50 -9.38 -9.41
N ALA A 346 5.83 -9.55 -9.37
CA ALA A 346 6.52 -10.16 -10.50
C ALA A 346 6.04 -11.58 -10.78
N PRO A 347 5.87 -12.46 -9.79
CA PRO A 347 5.23 -13.75 -10.09
C PRO A 347 3.82 -13.61 -10.66
N LEU A 348 3.00 -12.71 -10.12
CA LEU A 348 1.66 -12.52 -10.68
C LEU A 348 1.72 -12.15 -12.14
N LEU A 349 2.77 -11.43 -12.55
CA LEU A 349 2.94 -10.99 -13.92
C LEU A 349 3.87 -11.90 -14.70
N ASP A 350 4.11 -13.13 -14.19
CA ASP A 350 4.90 -14.14 -14.90
C ASP A 350 6.31 -13.69 -15.19
N ASN A 351 6.86 -12.84 -14.34
CA ASN A 351 8.20 -12.32 -14.52
C ASN A 351 8.36 -11.60 -15.85
N SER A 352 7.29 -11.04 -16.39
CA SER A 352 7.34 -10.28 -17.63
C SER A 352 7.78 -8.84 -17.34
N GLU A 353 8.98 -8.50 -17.81
CA GLU A 353 9.51 -7.15 -17.59
C GLU A 353 8.60 -6.07 -18.18
N ARG A 354 8.03 -6.33 -19.37
CA ARG A 354 7.19 -5.32 -20.00
C ARG A 354 5.88 -5.13 -19.24
N ARG A 355 5.32 -6.21 -18.70
CA ARG A 355 4.13 -6.09 -17.84
C ARG A 355 4.46 -5.39 -16.53
N ILE A 356 5.62 -5.70 -15.94
CA ILE A 356 5.99 -5.07 -14.68
C ILE A 356 6.20 -3.58 -14.88
N GLN A 357 6.83 -3.20 -15.98
CA GLN A 357 7.01 -1.78 -16.28
C GLN A 357 5.67 -1.10 -16.57
N LEU A 358 4.82 -1.74 -17.36
CA LEU A 358 3.53 -1.15 -17.70
C LEU A 358 2.73 -0.85 -16.45
N MET A 359 2.66 -1.82 -15.54
CA MET A 359 1.89 -1.66 -14.31
C MET A 359 2.49 -0.56 -13.45
N HIS A 360 3.82 -0.47 -13.40
CA HIS A 360 4.41 0.62 -12.62
C HIS A 360 4.13 1.98 -13.27
N LEU A 361 4.19 2.06 -14.60
CA LEU A 361 3.87 3.32 -15.25
C LEU A 361 2.43 3.72 -14.99
N LEU A 362 1.50 2.75 -14.95
CA LEU A 362 0.14 3.08 -14.55
C LEU A 362 0.11 3.61 -13.13
N LEU A 363 0.80 2.92 -12.22
CA LEU A 363 0.92 3.36 -10.84
C LEU A 363 1.45 4.79 -10.73
N PHE A 364 2.41 5.13 -11.58
CA PHE A 364 3.09 6.42 -11.54
C PHE A 364 2.38 7.53 -12.31
N THR A 365 1.33 7.22 -13.10
CA THR A 365 0.69 8.25 -13.93
C THR A 365 -0.80 8.42 -13.67
N LEU A 366 -1.42 7.60 -12.82
CA LEU A 366 -2.80 7.82 -12.40
C LEU A 366 -2.83 8.86 -11.27
N PRO A 367 -3.99 9.41 -10.92
CA PRO A 367 -4.02 10.53 -9.96
C PRO A 367 -3.87 10.02 -8.54
N GLY A 368 -2.70 10.29 -7.95
CA GLY A 368 -2.51 9.89 -6.57
C GLY A 368 -1.03 9.81 -6.24
N THR A 369 -0.77 9.13 -5.13
CA THR A 369 0.55 9.03 -4.57
C THR A 369 0.97 7.57 -4.60
N PRO A 370 2.04 7.21 -5.31
CA PRO A 370 2.36 5.80 -5.50
C PRO A 370 3.14 5.24 -4.34
N ILE A 371 2.83 3.98 -4.01
CA ILE A 371 3.55 3.20 -3.02
C ILE A 371 4.27 2.07 -3.73
N ILE A 372 5.56 1.92 -3.45
CA ILE A 372 6.36 0.78 -3.90
C ILE A 372 6.57 -0.15 -2.72
N TYR A 373 6.22 -1.41 -2.89
CA TYR A 373 6.44 -2.40 -1.85
C TYR A 373 7.90 -2.87 -1.92
N TYR A 374 8.57 -2.89 -0.77
CA TYR A 374 10.02 -3.14 -0.76
C TYR A 374 10.36 -4.40 -1.54
N GLY A 375 11.30 -4.29 -2.48
CA GLY A 375 11.74 -5.43 -3.23
C GLY A 375 11.05 -5.61 -4.57
N ASP A 376 9.87 -5.00 -4.76
CA ASP A 376 9.25 -5.02 -6.07
C ASP A 376 10.09 -4.26 -7.09
N GLU A 377 10.93 -3.32 -6.65
CA GLU A 377 11.77 -2.58 -7.58
C GLU A 377 12.91 -3.42 -8.14
N ILE A 378 13.16 -4.62 -7.62
CA ILE A 378 14.08 -5.55 -8.29
C ILE A 378 13.36 -6.78 -8.83
N GLY A 379 12.04 -6.87 -8.68
CA GLY A 379 11.31 -8.03 -9.16
C GLY A 379 11.38 -9.25 -8.26
N MET A 380 11.29 -9.08 -6.94
CA MET A 380 11.33 -10.21 -6.02
C MET A 380 10.12 -11.11 -6.22
N GLY A 381 10.30 -12.38 -5.87
CA GLY A 381 9.25 -13.38 -5.95
C GLY A 381 8.64 -13.67 -4.58
N ASP A 382 7.96 -14.80 -4.50
CA ASP A 382 7.21 -15.18 -3.31
C ASP A 382 7.54 -16.63 -2.94
N ASN A 383 6.98 -17.08 -1.81
CA ASN A 383 7.10 -18.46 -1.38
C ASN A 383 5.75 -18.82 -0.75
N VAL A 384 4.85 -19.33 -1.58
CA VAL A 384 3.51 -19.62 -1.09
C VAL A 384 3.47 -20.79 -0.12
N TYR A 385 4.59 -21.45 0.12
CA TYR A 385 4.65 -22.51 1.12
C TYR A 385 4.95 -21.98 2.52
N LEU A 386 5.16 -20.67 2.68
CA LEU A 386 5.62 -20.17 3.97
C LEU A 386 4.51 -20.02 4.98
N GLY A 387 3.27 -19.84 4.59
CA GLY A 387 2.38 -19.76 5.75
C GLY A 387 1.83 -18.37 6.03
N ASP A 388 0.51 -18.29 6.09
CA ASP A 388 -0.24 -17.02 6.11
C ASP A 388 0.32 -16.15 4.98
N ARG A 389 0.73 -14.92 5.24
CA ARG A 389 1.27 -14.05 4.21
C ARG A 389 2.80 -13.94 4.26
N ASP A 390 3.48 -14.88 4.95
CA ASP A 390 4.93 -14.78 5.10
C ASP A 390 5.64 -14.83 3.76
N GLY A 391 5.07 -15.56 2.78
CA GLY A 391 5.68 -15.74 1.48
C GLY A 391 5.88 -14.48 0.66
N VAL A 392 5.28 -13.35 1.01
CA VAL A 392 5.60 -12.08 0.35
C VAL A 392 6.39 -11.16 1.25
N ARG A 393 6.93 -11.68 2.37
CA ARG A 393 7.65 -10.89 3.37
C ARG A 393 9.05 -11.42 3.62
N THR A 394 9.66 -12.07 2.64
CA THR A 394 10.98 -12.64 2.83
C THR A 394 12.04 -11.53 2.77
N PRO A 395 13.26 -11.79 3.23
CA PRO A 395 14.24 -10.70 3.36
C PRO A 395 14.61 -10.05 2.05
N MET A 396 14.90 -8.76 2.13
CA MET A 396 15.35 -7.98 0.99
C MET A 396 16.60 -8.61 0.38
N GLN A 397 16.68 -8.62 -0.94
CA GLN A 397 17.71 -9.40 -1.64
C GLN A 397 18.81 -8.46 -2.14
N TRP A 398 19.83 -8.27 -1.29
CA TRP A 398 20.88 -7.31 -1.59
C TRP A 398 21.89 -7.86 -2.59
N SER A 399 22.20 -9.15 -2.51
CA SER A 399 23.26 -9.71 -3.35
C SER A 399 23.03 -11.20 -3.50
N GLY A 400 23.90 -11.84 -4.28
CA GLY A 400 23.93 -13.28 -4.40
C GLY A 400 24.69 -14.02 -3.30
N ASP A 401 25.13 -13.33 -2.26
CA ASP A 401 25.86 -13.91 -1.14
C ASP A 401 24.94 -14.72 -0.23
N ARG A 402 25.54 -15.36 0.78
CA ARG A 402 24.76 -16.04 1.81
C ARG A 402 23.70 -15.10 2.36
N ASN A 403 22.49 -15.62 2.49
CA ASN A 403 21.36 -14.88 3.01
C ASN A 403 20.98 -13.71 2.11
N ALA A 404 21.36 -13.74 0.84
CA ALA A 404 21.09 -12.65 -0.08
C ALA A 404 21.67 -11.33 0.43
N GLY A 405 22.75 -11.41 1.22
CA GLY A 405 23.36 -10.21 1.76
C GLY A 405 22.55 -9.51 2.82
N PHE A 406 21.44 -10.10 3.28
CA PHE A 406 20.58 -9.50 4.28
C PHE A 406 21.15 -9.65 5.69
N SER A 407 22.03 -10.61 5.89
CA SER A 407 22.49 -10.95 7.22
C SER A 407 23.74 -11.80 7.09
N ARG A 408 24.54 -11.79 8.16
CA ARG A 408 25.65 -12.73 8.24
C ARG A 408 25.35 -13.83 9.26
N ALA A 409 24.14 -13.87 9.79
CA ALA A 409 23.72 -14.89 10.75
C ALA A 409 23.74 -16.29 10.13
N ASN A 410 23.73 -17.29 11.00
CA ASN A 410 23.43 -18.65 10.59
C ASN A 410 22.17 -18.64 9.72
N PRO A 411 22.24 -19.15 8.48
CA PRO A 411 21.05 -19.11 7.62
C PRO A 411 19.82 -19.74 8.24
N GLN A 412 19.96 -20.73 9.11
CA GLN A 412 18.76 -21.34 9.69
C GLN A 412 18.10 -20.47 10.74
N ALA A 413 18.78 -19.39 11.16
CA ALA A 413 18.24 -18.48 12.18
C ALA A 413 17.55 -17.25 11.60
N LEU A 414 17.61 -17.02 10.29
CA LEU A 414 16.85 -15.94 9.66
C LEU A 414 15.37 -16.00 10.06
N TYR A 415 14.76 -14.83 10.26
CA TYR A 415 13.33 -14.81 10.60
C TYR A 415 12.50 -15.50 9.51
N LEU A 416 12.93 -15.43 8.25
CA LEU A 416 12.31 -16.10 7.12
C LEU A 416 13.39 -16.32 6.07
N PRO A 417 13.28 -17.36 5.25
CA PRO A 417 14.34 -17.64 4.27
C PRO A 417 14.18 -16.78 3.04
N PRO A 418 15.25 -16.47 2.34
CA PRO A 418 15.12 -15.75 1.06
C PRO A 418 14.51 -16.65 -0.02
N ILE A 419 14.07 -16.00 -1.10
CA ILE A 419 13.48 -16.71 -2.21
C ILE A 419 14.51 -17.62 -2.87
N ARG A 420 14.14 -18.91 -3.02
CA ARG A 420 15.01 -19.93 -3.59
C ARG A 420 14.39 -20.71 -4.75
N ASP A 421 13.26 -20.29 -5.29
CA ASP A 421 12.71 -21.03 -6.40
C ASP A 421 13.54 -20.75 -7.65
N PRO A 422 13.49 -21.63 -8.65
CA PRO A 422 14.49 -21.55 -9.75
C PRO A 422 14.35 -20.31 -10.63
N VAL A 423 13.20 -19.65 -10.65
CA VAL A 423 13.05 -18.43 -11.46
C VAL A 423 13.41 -17.18 -10.67
N PHE A 424 12.86 -17.05 -9.46
CA PHE A 424 12.99 -15.82 -8.68
C PHE A 424 14.07 -15.89 -7.61
N THR A 425 14.95 -16.90 -7.65
CA THR A 425 15.95 -17.04 -6.59
C THR A 425 16.77 -15.77 -6.45
N TYR A 426 17.11 -15.43 -5.21
CA TYR A 426 17.98 -14.27 -4.97
C TYR A 426 19.31 -14.39 -5.70
N GLU A 427 19.69 -15.59 -6.12
CA GLU A 427 20.91 -15.65 -6.92
C GLU A 427 20.71 -15.06 -8.31
N ALA A 428 19.46 -14.83 -8.73
CA ALA A 428 19.17 -14.15 -9.97
C ALA A 428 18.57 -12.77 -9.77
N VAL A 429 18.00 -12.50 -8.60
CA VAL A 429 17.23 -11.30 -8.33
C VAL A 429 17.87 -10.65 -7.11
N ASN A 430 18.76 -9.68 -7.31
CA ASN A 430 19.35 -9.01 -6.15
C ASN A 430 19.84 -7.62 -6.55
N VAL A 431 19.92 -6.75 -5.55
CA VAL A 431 20.26 -5.34 -5.76
C VAL A 431 21.62 -5.19 -6.44
N GLU A 432 22.61 -5.91 -5.94
CA GLU A 432 23.97 -5.79 -6.46
C GLU A 432 24.04 -6.13 -7.95
N ALA A 433 23.30 -7.14 -8.39
CA ALA A 433 23.30 -7.49 -9.80
C ALA A 433 22.68 -6.37 -10.64
N GLN A 434 21.54 -5.85 -10.22
CA GLN A 434 20.82 -4.90 -11.04
C GLN A 434 21.51 -3.54 -11.07
N GLU A 435 22.19 -3.15 -9.99
CA GLU A 435 22.90 -1.88 -10.02
C GLU A 435 23.92 -1.83 -11.17
N GLN A 436 24.45 -2.97 -11.59
CA GLN A 436 25.57 -3.01 -12.55
C GLN A 436 25.14 -2.91 -14.00
N VAL A 437 23.89 -3.15 -14.35
CA VAL A 437 23.46 -3.13 -15.74
C VAL A 437 22.44 -1.99 -15.91
N PRO A 438 22.63 -1.11 -16.89
CA PRO A 438 21.73 0.06 -17.02
C PRO A 438 20.29 -0.29 -17.36
N THR A 439 20.06 -1.48 -17.90
CA THR A 439 18.73 -1.89 -18.32
C THR A 439 18.01 -2.75 -17.29
N SER A 440 18.60 -2.94 -16.11
CA SER A 440 17.94 -3.72 -15.08
C SER A 440 16.63 -3.06 -14.67
N LEU A 441 15.77 -3.83 -14.03
CA LEU A 441 14.51 -3.29 -13.55
C LEU A 441 14.75 -2.18 -12.52
N LEU A 442 15.74 -2.34 -11.64
CA LEU A 442 16.04 -1.31 -10.65
C LEU A 442 16.41 0.02 -11.31
N ASN A 443 17.29 0.00 -12.30
CA ASN A 443 17.71 1.24 -12.92
C ASN A 443 16.57 1.84 -13.75
N TRP A 444 15.72 1.00 -14.32
CA TRP A 444 14.57 1.52 -15.03
C TRP A 444 13.64 2.24 -14.07
N MET A 445 13.46 1.68 -12.88
CA MET A 445 12.64 2.29 -11.85
C MET A 445 13.25 3.61 -11.38
N LYS A 446 14.56 3.64 -11.13
CA LYS A 446 15.19 4.90 -10.73
C LYS A 446 14.94 5.98 -11.77
N ARG A 447 15.12 5.66 -13.04
CA ARG A 447 14.98 6.67 -14.06
C ARG A 447 13.54 7.12 -14.20
N THR A 448 12.60 6.18 -14.14
CA THR A 448 11.18 6.50 -14.25
C THR A 448 10.72 7.38 -13.09
N ILE A 449 11.11 7.03 -11.87
CA ILE A 449 10.74 7.87 -10.73
C ILE A 449 11.34 9.26 -10.88
N GLN A 450 12.58 9.33 -11.38
CA GLN A 450 13.24 10.63 -11.52
C GLN A 450 12.47 11.54 -12.47
N ILE A 451 11.98 10.98 -13.58
CA ILE A 451 11.14 11.75 -14.48
C ILE A 451 9.86 12.19 -13.77
N ARG A 452 9.21 11.26 -13.06
CA ARG A 452 7.94 11.60 -12.43
C ARG A 452 8.08 12.80 -11.52
N LYS A 453 9.20 12.87 -10.79
CA LYS A 453 9.36 13.95 -9.83
C LYS A 453 9.56 15.30 -10.48
N LYS A 454 9.88 15.36 -11.77
CA LYS A 454 9.88 16.64 -12.45
C LYS A 454 8.48 17.10 -12.85
N TYR A 455 7.45 16.31 -12.60
CA TYR A 455 6.12 16.54 -13.14
C TYR A 455 5.06 16.38 -12.07
N PRO A 456 4.87 17.40 -11.22
CA PRO A 456 3.83 17.30 -10.17
C PRO A 456 2.42 17.13 -10.70
N VAL A 457 2.19 17.31 -12.00
CA VAL A 457 0.90 16.99 -12.59
C VAL A 457 0.46 15.57 -12.25
N PHE A 458 1.39 14.64 -12.09
CA PHE A 458 0.97 13.26 -11.89
C PHE A 458 0.33 13.08 -10.51
N GLY A 459 0.86 13.75 -9.49
CA GLY A 459 0.26 13.66 -8.17
C GLY A 459 -0.95 14.54 -7.99
N ARG A 460 -1.06 15.63 -8.74
CA ARG A 460 -1.97 16.72 -8.41
C ARG A 460 -2.97 17.07 -9.49
N GLY A 461 -2.75 16.63 -10.72
CA GLY A 461 -3.58 17.09 -11.81
C GLY A 461 -4.87 16.30 -11.96
N SER A 462 -5.73 16.84 -12.82
CA SER A 462 -6.96 16.20 -13.18
C SER A 462 -6.67 15.02 -14.09
N ILE A 463 -7.71 14.29 -14.44
CA ILE A 463 -7.61 13.21 -15.41
C ILE A 463 -8.86 13.20 -16.25
N ARG A 464 -8.69 12.89 -17.53
CA ARG A 464 -9.77 12.64 -18.47
C ARG A 464 -9.36 11.47 -19.32
N PHE A 465 -10.18 10.43 -19.38
CA PHE A 465 -9.90 9.26 -20.17
C PHE A 465 -10.41 9.41 -21.60
N LEU A 466 -9.63 8.90 -22.54
CA LEU A 466 -10.02 8.79 -23.94
C LEU A 466 -10.68 7.44 -24.21
N GLN A 467 -11.28 7.35 -25.37
CA GLN A 467 -12.01 6.18 -25.77
C GLN A 467 -11.74 5.80 -27.19
N PRO A 468 -10.54 5.38 -27.48
CA PRO A 468 -10.27 4.82 -28.81
C PRO A 468 -11.02 3.52 -28.98
N SER A 469 -11.38 3.22 -30.22
CA SER A 469 -12.16 2.01 -30.44
C SER A 469 -11.35 0.75 -30.18
N ASN A 470 -10.01 0.79 -30.28
CA ASN A 470 -9.21 -0.37 -29.89
C ASN A 470 -9.26 -0.51 -28.37
N ARG A 471 -9.95 -1.56 -27.90
CA ARG A 471 -10.21 -1.70 -26.47
C ARG A 471 -8.96 -2.10 -25.68
N ALA A 472 -7.91 -2.55 -26.35
CA ALA A 472 -6.68 -2.88 -25.65
C ALA A 472 -5.88 -1.66 -25.24
N VAL A 473 -6.24 -0.46 -25.71
CA VAL A 473 -5.43 0.73 -25.51
C VAL A 473 -6.11 1.63 -24.49
N LEU A 474 -5.38 1.97 -23.44
CA LEU A 474 -5.85 2.85 -22.38
C LEU A 474 -5.06 4.15 -22.49
N ALA A 475 -5.78 5.25 -22.63
CA ALA A 475 -5.16 6.55 -22.88
C ALA A 475 -5.91 7.61 -22.09
N TYR A 476 -5.17 8.55 -21.52
CA TYR A 476 -5.78 9.57 -20.68
C TYR A 476 -4.89 10.81 -20.65
N ILE A 477 -5.50 11.93 -20.28
CA ILE A 477 -4.85 13.22 -20.18
C ILE A 477 -4.73 13.58 -18.71
N ARG A 478 -3.55 14.02 -18.29
CA ARG A 478 -3.37 14.65 -16.99
C ARG A 478 -3.03 16.12 -17.23
N GLN A 479 -3.64 17.01 -16.45
CA GLN A 479 -3.40 18.44 -16.56
C GLN A 479 -3.29 19.05 -15.18
N TYR A 480 -2.33 19.94 -15.03
CA TYR A 480 -2.15 20.67 -13.78
C TYR A 480 -1.42 21.94 -14.15
N GLN A 481 -1.96 23.09 -13.73
CA GLN A 481 -1.37 24.37 -14.09
C GLN A 481 -1.13 24.46 -15.59
N ASP A 482 0.12 24.65 -16.02
CA ASP A 482 0.40 24.81 -17.44
C ASP A 482 0.85 23.53 -18.14
N THR A 483 0.76 22.37 -17.49
CA THR A 483 1.31 21.13 -18.04
C THR A 483 0.20 20.18 -18.45
N THR A 484 0.31 19.62 -19.66
CA THR A 484 -0.63 18.63 -20.14
C THR A 484 0.13 17.39 -20.56
N ILE A 485 -0.23 16.24 -19.96
CA ILE A 485 0.40 14.96 -20.27
C ILE A 485 -0.58 14.05 -21.01
N LEU A 486 -0.10 13.39 -22.05
CA LEU A 486 -0.83 12.30 -22.68
C LEU A 486 -0.16 10.98 -22.29
N CYS A 487 -0.91 10.09 -21.67
CA CYS A 487 -0.46 8.72 -21.43
C CYS A 487 -1.27 7.81 -22.32
N ALA A 488 -0.58 6.88 -22.98
CA ALA A 488 -1.26 5.88 -23.81
C ALA A 488 -0.50 4.58 -23.72
N CYS A 489 -1.20 3.49 -23.40
CA CYS A 489 -0.52 2.22 -23.24
C CYS A 489 -1.34 1.08 -23.82
N ASN A 490 -0.65 -0.01 -24.09
CA ASN A 490 -1.23 -1.16 -24.78
C ASN A 490 -1.35 -2.28 -23.75
N LEU A 491 -2.58 -2.68 -23.45
CA LEU A 491 -2.78 -3.72 -22.45
C LEU A 491 -2.61 -5.12 -23.03
N SER A 492 -2.37 -5.25 -24.32
CA SER A 492 -2.32 -6.53 -25.00
C SER A 492 -0.89 -7.03 -25.11
N ARG A 493 -0.75 -8.35 -25.09
CA ARG A 493 0.55 -8.95 -25.38
C ARG A 493 0.87 -8.97 -26.86
N PHE A 494 -0.01 -8.43 -27.71
CA PHE A 494 0.23 -8.34 -29.14
C PHE A 494 0.38 -6.88 -29.57
N CYS A 495 0.96 -6.67 -30.74
CA CYS A 495 1.02 -5.33 -31.30
C CYS A 495 -0.38 -4.79 -31.54
N GLN A 496 -0.53 -3.48 -31.38
CA GLN A 496 -1.84 -2.87 -31.53
C GLN A 496 -1.70 -1.48 -32.16
N ALA A 497 -2.74 -1.08 -32.89
CA ALA A 497 -2.86 0.26 -33.42
C ALA A 497 -4.09 0.92 -32.82
N ALA A 498 -4.03 2.22 -32.56
CA ALA A 498 -5.20 2.91 -32.07
C ALA A 498 -5.19 4.34 -32.59
N GLU A 499 -6.38 4.89 -32.75
CA GLU A 499 -6.53 6.30 -33.13
C GLU A 499 -7.14 7.06 -31.97
N LEU A 500 -6.52 8.18 -31.61
CA LEU A 500 -6.95 9.00 -30.49
C LEU A 500 -7.54 10.29 -31.01
N ASP A 501 -8.63 10.72 -30.39
CA ASP A 501 -9.19 12.03 -30.67
C ASP A 501 -8.49 13.00 -29.75
N LEU A 502 -7.47 13.69 -30.26
CA LEU A 502 -6.72 14.68 -29.51
C LEU A 502 -7.05 16.11 -29.95
N SER A 503 -8.21 16.31 -30.57
CA SER A 503 -8.53 17.60 -31.20
C SER A 503 -8.65 18.74 -30.20
N ASP A 504 -8.85 18.47 -28.92
CA ASP A 504 -8.75 19.54 -27.93
C ASP A 504 -7.36 20.15 -27.87
N PHE A 505 -6.37 19.53 -28.51
CA PHE A 505 -4.98 19.95 -28.36
C PHE A 505 -4.32 20.15 -29.72
N LYS A 506 -5.13 20.41 -30.75
CA LYS A 506 -4.64 20.69 -32.08
C LYS A 506 -3.53 21.73 -32.04
N GLY A 507 -2.46 21.48 -32.80
CA GLY A 507 -1.33 22.37 -32.83
C GLY A 507 -0.24 22.07 -31.83
N LEU A 508 -0.52 21.31 -30.79
CA LEU A 508 0.53 20.94 -29.86
C LEU A 508 1.28 19.70 -30.38
N TYR A 509 2.46 19.50 -29.82
CA TYR A 509 3.34 18.39 -30.19
C TYR A 509 3.50 17.47 -28.98
N PRO A 510 3.26 16.17 -29.13
CA PRO A 510 3.57 15.24 -28.04
C PRO A 510 5.08 15.03 -27.96
N VAL A 511 5.65 15.33 -26.80
CA VAL A 511 7.08 15.15 -26.56
C VAL A 511 7.25 14.03 -25.54
N GLU A 512 7.89 12.93 -25.94
CA GLU A 512 7.97 11.73 -25.10
C GLU A 512 8.95 11.97 -23.97
N LEU A 513 8.51 11.72 -22.72
CA LEU A 513 9.27 12.14 -21.55
C LEU A 513 10.61 11.39 -21.39
N TYR A 514 10.74 10.16 -21.91
CA TYR A 514 11.97 9.40 -21.64
C TYR A 514 13.16 10.01 -22.35
N GLY A 515 13.01 10.36 -23.63
CA GLY A 515 14.12 10.90 -24.36
C GLY A 515 13.82 12.25 -24.98
N LYS A 516 12.68 12.84 -24.60
CA LYS A 516 12.25 14.14 -25.12
C LYS A 516 12.26 14.14 -26.66
N THR A 517 11.73 13.08 -27.25
CA THR A 517 11.63 12.99 -28.69
C THR A 517 10.28 13.52 -29.13
N VAL A 518 10.26 14.21 -30.27
CA VAL A 518 9.09 14.94 -30.72
C VAL A 518 8.30 14.06 -31.68
N PHE A 519 7.03 13.86 -31.37
CA PHE A 519 6.14 13.10 -32.24
C PHE A 519 5.41 14.06 -33.18
N PRO A 520 4.66 13.55 -34.15
CA PRO A 520 4.00 14.45 -35.10
C PRO A 520 3.02 15.41 -34.42
N GLN A 521 2.91 16.61 -34.99
CA GLN A 521 2.02 17.62 -34.47
C GLN A 521 0.57 17.16 -34.51
N ILE A 522 -0.17 17.44 -33.43
CA ILE A 522 -1.59 17.11 -33.36
C ILE A 522 -2.37 18.00 -34.32
N GLY A 523 -2.98 17.40 -35.33
CA GLY A 523 -3.89 18.06 -36.23
C GLY A 523 -5.33 17.89 -35.79
N GLU A 524 -6.25 18.06 -36.73
CA GLU A 524 -7.65 17.84 -36.38
C GLU A 524 -8.08 16.40 -36.61
N LEU A 525 -7.42 15.70 -37.52
CA LEU A 525 -7.66 14.28 -37.74
C LEU A 525 -7.26 13.43 -36.52
N PRO A 526 -7.87 12.26 -36.35
CA PRO A 526 -7.48 11.39 -35.23
C PRO A 526 -6.01 11.00 -35.33
N TYR A 527 -5.39 10.87 -34.16
CA TYR A 527 -3.95 10.71 -34.03
C TYR A 527 -3.62 9.23 -33.87
N LEU A 528 -2.87 8.67 -34.81
CA LEU A 528 -2.59 7.25 -34.83
C LEU A 528 -1.37 6.94 -33.97
N LEU A 529 -1.54 6.12 -32.95
CA LEU A 529 -0.43 5.56 -32.20
C LEU A 529 -0.33 4.07 -32.48
N THR A 530 0.86 3.55 -32.34
CA THR A 530 1.13 2.19 -32.73
C THR A 530 1.99 1.58 -31.63
N PHE A 531 1.64 0.37 -31.16
CA PHE A 531 2.21 -0.15 -29.92
C PHE A 531 2.80 -1.53 -30.11
N GLY A 532 4.05 -1.70 -29.64
CA GLY A 532 4.56 -3.01 -29.36
C GLY A 532 3.79 -3.63 -28.21
N PRO A 533 4.01 -4.91 -27.92
CA PRO A 533 3.34 -5.55 -26.77
C PRO A 533 3.60 -4.80 -25.47
N HIS A 534 2.51 -4.48 -24.77
CA HIS A 534 2.54 -3.83 -23.47
C HIS A 534 3.29 -2.50 -23.48
N VAL A 535 3.42 -1.82 -24.61
CA VAL A 535 4.16 -0.57 -24.63
C VAL A 535 3.33 0.54 -24.00
N PHE A 536 3.98 1.36 -23.17
CA PHE A 536 3.39 2.53 -22.52
C PHE A 536 4.16 3.76 -23.00
N TYR A 537 3.43 4.79 -23.45
CA TYR A 537 3.99 6.07 -23.83
C TYR A 537 3.53 7.16 -22.86
N TRP A 538 4.42 8.08 -22.51
CA TRP A 538 3.99 9.30 -21.87
C TRP A 538 4.63 10.49 -22.57
N PHE A 539 3.78 11.44 -22.93
CA PHE A 539 4.15 12.61 -23.70
C PHE A 539 3.71 13.85 -22.94
N GLU A 540 4.54 14.86 -22.94
CA GLU A 540 4.08 16.20 -22.61
C GLU A 540 3.64 16.86 -23.90
N LEU A 541 2.41 17.39 -23.91
CA LEU A 541 1.92 18.12 -25.08
C LEU A 541 2.40 19.57 -24.97
N LYS A 542 3.22 19.98 -25.92
CA LYS A 542 3.99 21.22 -25.83
C LYS A 542 3.75 22.05 -27.07
N PRO A 543 3.75 23.38 -26.94
CA PRO A 543 3.61 24.24 -28.12
C PRO A 543 4.95 24.40 -28.84
N GLN A 544 4.88 24.89 -30.07
CA GLN A 544 6.05 25.03 -30.93
C GLN A 544 7.21 25.75 -30.24
N GLU A 545 6.91 26.77 -29.45
CA GLU A 545 7.99 27.57 -28.84
C GLU A 545 8.69 26.85 -27.69
N GLN A 546 8.31 25.61 -27.39
CA GLN A 546 8.92 24.86 -26.30
C GLN A 546 9.47 23.51 -26.75
N LEU A 547 9.54 23.25 -28.05
CA LEU A 547 10.09 21.99 -28.51
C LEU A 547 11.59 21.91 -28.19
N PRO A 548 12.12 20.71 -28.02
CA PRO A 548 13.54 20.57 -27.68
C PRO A 548 14.46 20.51 -28.91
N HIS A 549 15.75 20.66 -28.63
CA HIS A 549 16.94 20.41 -29.48
C HIS A 549 17.61 21.78 -29.72
#